data_5D8E
#
_entry.id   5D8E
#
_cell.length_a   137.691
_cell.length_b   137.691
_cell.length_c   83.820
_cell.angle_alpha   90.00
_cell.angle_beta   90.00
_cell.angle_gamma   120.00
#
_symmetry.space_group_name_H-M   'P 31 2 1'
#
_entity_poly.entity_id   1
_entity_poly.type   'polypeptide(L)'
_entity_poly.pdbx_seq_one_letter_code
;(MSE)TTETFVKDIKPGLKNLNLIFIVLETGRVTKTKDGHEVRTCKVADKTGSINISVWDDVGNLIQPGDIIR(MSE)TK
GYASVFKGCLTLYTGRGGDLQKIGEFC(MSE)VYSEVPNFSHHHHHH
;
_entity_poly.pdbx_strand_id   A,B,C,D
#
# COMPACT_ATOMS: atom_id res chain seq x y z
N THR A 3 9.23 3.33 -37.63
CA THR A 3 9.37 4.75 -37.93
C THR A 3 9.10 5.66 -36.72
N GLU A 4 10.13 5.87 -35.89
CA GLU A 4 9.97 6.63 -34.63
C GLU A 4 10.71 7.99 -34.52
N THR A 5 10.11 8.94 -33.78
CA THR A 5 10.65 10.29 -33.60
C THR A 5 10.63 10.81 -32.15
N PHE A 6 11.65 11.55 -31.75
CA PHE A 6 11.77 11.98 -30.37
C PHE A 6 10.86 13.14 -30.00
N VAL A 7 10.51 13.25 -28.72
CA VAL A 7 9.79 14.42 -28.27
C VAL A 7 10.51 15.65 -28.77
N LYS A 8 11.84 15.68 -28.62
CA LYS A 8 12.60 16.84 -29.07
C LYS A 8 12.37 17.12 -30.55
N ASP A 9 12.40 16.09 -31.40
CA ASP A 9 12.27 16.35 -32.82
C ASP A 9 10.80 16.24 -33.17
N ILE A 10 10.03 17.17 -32.63
CA ILE A 10 8.60 17.25 -32.86
C ILE A 10 8.18 18.66 -33.34
N LYS A 11 7.34 18.69 -34.37
CA LYS A 11 6.93 19.90 -35.06
C LYS A 11 5.40 19.92 -35.18
N PRO A 12 4.73 21.01 -34.87
CA PRO A 12 3.29 21.03 -34.98
C PRO A 12 2.93 20.79 -36.40
N GLY A 13 1.74 20.34 -36.62
CA GLY A 13 1.37 19.85 -37.92
C GLY A 13 2.22 18.72 -38.40
N LEU A 14 2.33 17.68 -37.60
CA LEU A 14 3.04 16.51 -38.02
C LEU A 14 2.12 15.32 -37.97
N LYS A 15 2.39 14.28 -38.76
CA LYS A 15 1.49 13.14 -38.85
C LYS A 15 2.25 11.85 -38.78
N ASN A 16 1.58 10.70 -38.74
CA ASN A 16 2.37 9.48 -38.54
C ASN A 16 3.23 9.58 -37.27
N LEU A 17 2.58 9.56 -36.10
CA LEU A 17 3.32 9.73 -34.87
C LEU A 17 3.43 8.45 -34.11
N ASN A 18 4.59 7.83 -34.24
CA ASN A 18 4.82 6.57 -33.61
C ASN A 18 6.00 6.68 -32.69
N LEU A 19 5.71 6.66 -31.40
CA LEU A 19 6.75 6.75 -30.40
C LEU A 19 6.31 6.15 -29.07
N ILE A 20 7.20 6.24 -28.09
CA ILE A 20 6.95 5.73 -26.76
C ILE A 20 7.40 6.78 -25.76
N PHE A 21 6.64 6.95 -24.69
CA PHE A 21 6.94 7.96 -23.69
C PHE A 21 6.39 7.54 -22.36
N ILE A 22 6.43 8.45 -21.40
CA ILE A 22 6.01 8.11 -20.07
C ILE A 22 5.20 9.24 -19.42
N VAL A 23 4.20 8.91 -18.60
CA VAL A 23 3.40 9.95 -17.96
C VAL A 23 4.09 10.63 -16.80
N LEU A 24 4.31 11.93 -16.93
CA LEU A 24 5.02 12.66 -15.88
C LEU A 24 4.08 13.18 -14.81
N GLU A 25 3.02 13.82 -15.26
CA GLU A 25 1.94 14.25 -14.38
C GLU A 25 0.63 14.21 -15.13
N THR A 26 -0.47 14.04 -14.41
CA THR A 26 -1.78 14.16 -15.03
C THR A 26 -2.49 15.32 -14.33
N GLY A 27 -3.30 16.05 -15.09
CA GLY A 27 -3.92 17.27 -14.59
C GLY A 27 -4.91 17.74 -15.62
N ARG A 28 -5.56 18.87 -15.37
CA ARG A 28 -6.51 19.44 -16.32
C ARG A 28 -7.54 18.42 -16.76
N VAL A 29 -8.55 18.15 -15.94
CA VAL A 29 -9.63 17.32 -16.43
C VAL A 29 -10.72 18.20 -16.99
N THR A 30 -11.14 17.83 -18.19
CA THR A 30 -12.16 18.58 -18.88
C THR A 30 -13.12 17.52 -19.42
N LYS A 31 -14.40 17.84 -19.40
CA LYS A 31 -15.48 16.86 -19.52
C LYS A 31 -16.49 17.28 -20.57
N THR A 32 -16.85 16.37 -21.47
CA THR A 32 -17.91 16.63 -22.45
C THR A 32 -19.26 16.39 -21.81
N LYS A 33 -20.35 16.69 -22.52
CA LYS A 33 -21.65 16.34 -21.97
C LYS A 33 -22.21 15.13 -22.70
N ASP A 34 -21.39 14.51 -23.56
CA ASP A 34 -21.63 13.12 -23.97
C ASP A 34 -21.55 12.33 -22.68
N GLY A 35 -20.73 12.83 -21.75
CA GLY A 35 -20.52 12.24 -20.44
C GLY A 35 -19.05 11.95 -20.24
N HIS A 36 -18.34 11.87 -21.36
CA HIS A 36 -16.91 11.50 -21.38
C HIS A 36 -16.03 12.63 -20.86
N GLU A 37 -14.74 12.36 -20.73
CA GLU A 37 -13.80 13.33 -20.22
C GLU A 37 -12.49 13.27 -20.98
N VAL A 38 -11.84 14.41 -21.17
CA VAL A 38 -10.57 14.42 -21.89
C VAL A 38 -9.44 14.85 -20.97
N ARG A 39 -8.40 14.01 -20.93
CA ARG A 39 -7.36 14.13 -19.92
C ARG A 39 -6.10 14.76 -20.48
N THR A 40 -5.68 15.85 -19.86
CA THR A 40 -4.50 16.56 -20.35
C THR A 40 -3.27 16.12 -19.58
N CYS A 41 -2.39 15.38 -20.22
CA CYS A 41 -1.28 14.83 -19.48
C CYS A 41 0.05 15.27 -20.01
N LYS A 42 1.03 15.22 -19.12
CA LYS A 42 2.39 15.57 -19.48
C LYS A 42 3.20 14.31 -19.53
N VAL A 43 3.82 14.14 -20.68
CA VAL A 43 4.53 12.92 -21.01
C VAL A 43 5.87 13.35 -21.55
N ALA A 44 6.79 12.41 -21.74
CA ALA A 44 8.13 12.78 -22.18
C ALA A 44 8.94 11.60 -22.65
N ASP A 45 10.10 11.94 -23.16
CA ASP A 45 11.09 10.96 -23.38
C ASP A 45 12.38 11.58 -23.10
N LYS A 46 13.41 10.84 -23.37
CA LYS A 46 14.73 11.29 -23.06
C LYS A 46 15.15 12.27 -24.11
N THR A 47 14.37 13.30 -24.37
CA THR A 47 14.69 14.25 -25.44
C THR A 47 13.77 15.32 -25.22
N GLY A 48 12.97 15.13 -24.22
CA GLY A 48 12.23 16.24 -23.69
C GLY A 48 10.83 15.87 -23.33
N SER A 49 10.11 16.84 -22.78
CA SER A 49 8.75 16.69 -22.29
C SER A 49 7.70 17.25 -23.27
N ILE A 50 6.41 17.04 -22.97
CA ILE A 50 5.32 17.45 -23.87
C ILE A 50 3.93 17.07 -23.37
N ASN A 51 2.90 17.87 -23.68
CA ASN A 51 1.54 17.56 -23.28
C ASN A 51 0.78 16.60 -24.15
N ILE A 52 -0.34 16.11 -23.61
CA ILE A 52 -1.29 15.28 -24.35
C ILE A 52 -2.71 15.36 -23.80
N SER A 53 -3.70 15.28 -24.69
CA SER A 53 -5.11 15.33 -24.34
C SER A 53 -5.68 13.96 -24.59
N VAL A 54 -6.18 13.29 -23.55
CA VAL A 54 -6.51 11.88 -23.68
C VAL A 54 -7.96 11.60 -23.38
N TRP A 55 -8.53 10.61 -24.06
CA TRP A 55 -9.91 10.20 -23.80
C TRP A 55 -9.97 9.00 -22.88
N ASP A 56 -10.71 9.13 -21.77
CA ASP A 56 -10.83 8.07 -20.76
C ASP A 56 -11.84 8.48 -19.69
N ASP A 57 -12.99 7.82 -19.66
CA ASP A 57 -14.04 8.27 -18.77
C ASP A 57 -13.76 7.96 -17.29
N VAL A 58 -12.65 7.26 -17.07
CA VAL A 58 -12.29 6.76 -15.74
C VAL A 58 -11.06 7.41 -15.26
N GLY A 59 -11.19 8.15 -14.19
CA GLY A 59 -10.12 9.02 -13.79
C GLY A 59 -8.81 8.49 -13.29
N ASN A 60 -8.91 7.56 -12.40
CA ASN A 60 -7.86 7.36 -11.49
C ASN A 60 -6.97 6.28 -11.94
N LEU A 61 -7.05 5.94 -13.19
CA LEU A 61 -6.36 4.79 -13.68
C LEU A 61 -5.25 5.11 -14.58
N ILE A 62 -5.08 6.38 -14.84
CA ILE A 62 -3.99 6.84 -15.64
C ILE A 62 -3.06 7.51 -14.70
N GLN A 63 -1.92 6.89 -14.56
CA GLN A 63 -1.03 7.16 -13.47
C GLN A 63 0.33 7.66 -13.92
N PRO A 64 0.96 8.48 -13.08
CA PRO A 64 2.38 8.77 -13.24
C PRO A 64 3.15 7.48 -13.20
N GLY A 65 4.08 7.31 -14.12
CA GLY A 65 4.82 6.07 -14.19
C GLY A 65 4.44 5.28 -15.41
N ASP A 66 3.20 5.44 -15.87
CA ASP A 66 2.72 4.65 -16.99
C ASP A 66 3.57 4.85 -18.23
N ILE A 67 3.74 3.79 -18.99
CA ILE A 67 4.54 3.87 -20.20
C ILE A 67 3.73 3.43 -21.40
N ILE A 68 3.55 4.35 -22.34
CA ILE A 68 2.60 4.15 -23.41
C ILE A 68 3.24 4.25 -24.78
N ARG A 69 2.78 3.39 -25.67
CA ARG A 69 3.21 3.39 -27.06
C ARG A 69 2.21 4.10 -27.96
N THR A 71 0.97 5.59 -31.49
CA THR A 71 1.16 5.26 -32.89
C THR A 71 0.22 6.02 -33.77
N LYS A 72 0.80 6.64 -34.79
CA LYS A 72 0.07 7.46 -35.73
C LYS A 72 -0.88 8.35 -34.98
N GLY A 73 -0.30 9.28 -34.24
CA GLY A 73 -1.02 10.30 -33.52
C GLY A 73 -0.66 11.60 -34.17
N TYR A 74 -1.09 12.73 -33.60
CA TYR A 74 -0.81 14.02 -34.24
C TYR A 74 -0.76 15.17 -33.27
N ALA A 75 -0.42 16.36 -33.76
CA ALA A 75 -0.23 17.50 -32.87
C ALA A 75 -0.90 18.76 -33.38
N SER A 76 -1.28 19.61 -32.43
CA SER A 76 -1.73 20.96 -32.70
C SER A 76 -1.75 21.68 -31.35
N VAL A 77 -1.41 22.96 -31.35
CA VAL A 77 -1.35 23.75 -30.15
C VAL A 77 -2.72 23.97 -29.58
N PHE A 78 -2.86 23.89 -28.28
CA PHE A 78 -4.12 24.24 -27.70
C PHE A 78 -3.96 25.24 -26.56
N LYS A 79 -4.68 26.34 -26.65
CA LYS A 79 -4.59 27.37 -25.64
C LYS A 79 -3.13 27.72 -25.44
N GLY A 80 -2.45 27.90 -26.56
CA GLY A 80 -1.08 28.35 -26.57
C GLY A 80 -0.10 27.23 -26.31
N CYS A 81 -0.57 26.19 -25.64
CA CYS A 81 0.31 25.08 -25.29
C CYS A 81 0.17 23.97 -26.32
N LEU A 82 1.27 23.27 -26.55
CA LEU A 82 1.28 22.25 -27.57
C LEU A 82 0.75 20.91 -27.04
N THR A 83 -0.41 20.51 -27.53
CA THR A 83 -1.03 19.30 -27.04
C THR A 83 -1.08 18.23 -28.15
N LEU A 84 -0.79 16.99 -27.76
CA LEU A 84 -0.62 15.91 -28.70
C LEU A 84 -1.89 15.09 -28.74
N TYR A 85 -2.19 14.51 -29.90
CA TYR A 85 -3.42 13.75 -30.11
C TYR A 85 -3.11 12.48 -30.87
N THR A 86 -3.98 11.47 -30.77
CA THR A 86 -3.81 10.24 -31.54
C THR A 86 -4.53 10.38 -32.88
N GLY A 87 -4.00 9.72 -33.90
CA GLY A 87 -4.59 9.79 -35.21
C GLY A 87 -5.80 8.90 -35.31
N ARG A 88 -6.51 9.02 -36.43
CA ARG A 88 -7.76 8.32 -36.60
C ARG A 88 -7.54 6.85 -36.99
N GLY A 89 -6.26 6.44 -37.01
CA GLY A 89 -5.87 5.10 -37.42
C GLY A 89 -4.56 4.70 -36.78
N GLY A 90 -4.23 5.33 -35.67
CA GLY A 90 -3.16 4.85 -34.85
C GLY A 90 -3.72 4.52 -33.48
N ASP A 91 -2.85 4.42 -32.48
CA ASP A 91 -3.31 4.02 -31.16
C ASP A 91 -2.35 4.38 -30.05
N LEU A 92 -2.76 3.99 -28.85
CA LEU A 92 -2.01 4.20 -27.63
C LEU A 92 -2.08 2.98 -26.77
N GLN A 93 -0.97 2.30 -26.56
CA GLN A 93 -1.00 1.17 -25.66
C GLN A 93 -0.17 1.46 -24.45
N LYS A 94 -0.63 1.06 -23.26
CA LYS A 94 0.22 1.08 -22.07
C LYS A 94 1.08 -0.17 -22.05
N ILE A 95 2.39 -0.01 -21.97
CA ILE A 95 3.25 -1.17 -22.17
C ILE A 95 4.18 -1.43 -20.98
N GLY A 96 4.05 -0.61 -19.94
CA GLY A 96 4.79 -0.83 -18.72
C GLY A 96 4.70 0.33 -17.75
N GLU A 97 5.65 0.38 -16.83
CA GLU A 97 5.59 1.35 -15.75
C GLU A 97 6.98 1.63 -15.20
N PHE A 98 7.05 2.60 -14.31
CA PHE A 98 8.32 3.07 -13.78
C PHE A 98 8.00 3.91 -12.55
N CYS A 99 8.11 3.36 -11.34
CA CYS A 99 7.65 4.07 -10.16
C CYS A 99 8.65 4.19 -9.00
N VAL A 101 8.53 3.64 -5.76
CA VAL A 101 7.62 3.00 -4.83
C VAL A 101 8.18 3.09 -3.41
N TYR A 102 7.31 2.98 -2.43
CA TYR A 102 7.70 3.21 -1.06
C TYR A 102 6.68 2.70 -0.06
N SER A 103 7.02 1.65 0.69
CA SER A 103 6.09 1.02 1.65
C SER A 103 6.36 1.41 3.09
N GLU A 104 5.34 1.28 3.94
CA GLU A 104 5.47 1.52 5.40
C GLU A 104 4.21 1.09 6.16
N VAL A 105 4.23 1.15 7.48
CA VAL A 105 2.97 1.15 8.22
C VAL A 105 2.92 2.42 9.08
N PRO A 106 1.76 3.10 9.07
CA PRO A 106 1.62 4.40 9.77
C PRO A 106 1.67 4.32 11.30
N ASN A 107 1.09 5.35 11.93
CA ASN A 107 1.06 5.47 13.38
C ASN A 107 -0.21 6.22 13.77
N PHE A 108 -0.60 6.11 15.03
CA PHE A 108 -1.79 6.77 15.55
C PHE A 108 -1.57 7.08 17.03
N THR B 3 12.03 26.29 -6.73
CA THR B 3 12.13 26.47 -5.29
C THR B 3 11.03 25.66 -4.62
N GLU B 4 11.23 25.27 -3.37
CA GLU B 4 10.19 24.54 -2.65
C GLU B 4 9.86 25.19 -1.34
N THR B 5 9.07 24.52 -0.50
CA THR B 5 8.45 25.18 0.64
C THR B 5 7.73 24.17 1.54
N PHE B 6 7.61 24.46 2.84
CA PHE B 6 6.96 23.54 3.78
C PHE B 6 5.54 23.96 4.14
N VAL B 7 4.74 22.99 4.54
CA VAL B 7 3.40 23.26 5.05
C VAL B 7 3.41 23.90 6.42
N LYS B 8 4.05 23.29 7.43
CA LYS B 8 4.13 24.01 8.71
C LYS B 8 5.19 25.10 8.72
N ASP B 9 5.45 25.66 7.53
CA ASP B 9 6.17 26.93 7.34
C ASP B 9 5.32 28.03 6.72
N ILE B 10 4.01 28.02 6.83
CA ILE B 10 3.33 29.13 6.15
C ILE B 10 2.50 30.06 7.01
N LYS B 11 1.81 31.04 6.40
CA LYS B 11 1.21 32.09 7.21
C LYS B 11 -0.21 32.70 7.03
N PRO B 12 -0.56 33.39 5.88
CA PRO B 12 0.11 32.96 4.66
C PRO B 12 1.47 33.49 4.47
N GLY B 13 1.48 34.81 4.33
CA GLY B 13 2.66 35.45 3.81
C GLY B 13 2.95 34.85 2.46
N LEU B 14 1.88 34.52 1.76
CA LEU B 14 2.02 33.68 0.60
C LEU B 14 2.85 34.34 -0.44
N LYS B 15 2.89 33.63 -1.55
CA LYS B 15 3.50 34.00 -2.78
C LYS B 15 4.66 33.11 -3.00
N ASN B 16 4.77 32.82 -4.26
CA ASN B 16 5.55 31.75 -4.91
C ASN B 16 5.51 30.54 -3.97
N LEU B 17 4.30 30.04 -3.72
CA LEU B 17 4.10 28.94 -2.78
C LEU B 17 4.12 27.66 -3.56
N ASN B 18 5.18 26.88 -3.41
CA ASN B 18 5.21 25.62 -4.17
C ASN B 18 5.38 24.57 -3.13
N LEU B 19 5.13 23.33 -3.50
CA LEU B 19 4.77 22.38 -2.50
C LEU B 19 4.49 21.04 -3.12
N ILE B 20 4.44 20.01 -2.28
CA ILE B 20 4.03 18.68 -2.69
C ILE B 20 3.29 18.06 -1.53
N PHE B 21 2.21 17.37 -1.83
CA PHE B 21 1.43 16.78 -0.77
C PHE B 21 0.45 15.80 -1.30
N ILE B 22 -0.20 15.15 -0.35
CA ILE B 22 -1.14 14.12 -0.62
C ILE B 22 -2.52 14.50 -0.21
N VAL B 23 -3.48 14.12 -1.01
CA VAL B 23 -4.84 14.46 -0.75
C VAL B 23 -5.43 13.50 0.20
N LEU B 24 -5.96 13.98 1.31
CA LEU B 24 -6.65 13.10 2.21
C LEU B 24 -8.11 13.08 1.85
N GLU B 25 -8.79 14.13 2.21
CA GLU B 25 -10.24 14.24 2.12
C GLU B 25 -10.64 15.35 1.17
N THR B 26 -11.70 15.13 0.40
CA THR B 26 -12.20 16.15 -0.53
C THR B 26 -13.69 16.50 -0.29
N GLY B 27 -13.96 17.69 0.23
CA GLY B 27 -15.33 18.12 0.51
C GLY B 27 -16.21 18.18 -0.74
N ARG B 28 -17.52 18.10 -0.55
CA ARG B 28 -18.45 18.07 -1.70
C ARG B 28 -18.52 19.43 -2.40
N VAL B 29 -18.92 19.41 -3.68
CA VAL B 29 -18.89 20.59 -4.55
C VAL B 29 -19.95 21.64 -4.20
N THR B 30 -19.81 22.84 -4.75
CA THR B 30 -20.89 23.84 -4.77
C THR B 30 -21.05 24.33 -6.20
N LYS B 31 -22.12 23.91 -6.86
CA LYS B 31 -22.38 24.28 -8.25
C LYS B 31 -23.03 25.65 -8.39
N THR B 32 -22.26 26.74 -8.21
CA THR B 32 -22.83 28.09 -8.21
C THR B 32 -23.55 28.38 -9.52
N LYS B 33 -24.45 29.36 -9.49
CA LYS B 33 -25.38 29.59 -10.58
C LYS B 33 -24.72 29.96 -11.90
N ASP B 34 -23.49 30.46 -11.81
CA ASP B 34 -22.71 30.83 -12.98
C ASP B 34 -22.36 29.59 -13.79
N GLY B 35 -22.69 28.44 -13.23
CA GLY B 35 -22.32 27.15 -13.78
C GLY B 35 -21.27 26.47 -12.92
N HIS B 36 -20.57 27.26 -12.11
CA HIS B 36 -19.30 26.84 -11.55
C HIS B 36 -19.40 26.04 -10.28
N GLU B 37 -18.26 25.46 -9.90
CA GLU B 37 -18.21 24.37 -8.95
C GLU B 37 -16.97 24.44 -8.06
N VAL B 38 -17.18 24.38 -6.75
CA VAL B 38 -16.09 24.51 -5.80
C VAL B 38 -16.21 23.47 -4.68
N ARG B 39 -15.11 22.77 -4.43
CA ARG B 39 -15.06 21.75 -3.40
C ARG B 39 -14.13 22.25 -2.32
N THR B 40 -14.10 21.59 -1.17
CA THR B 40 -13.08 21.89 -0.18
C THR B 40 -12.18 20.67 -0.06
N CYS B 41 -10.90 20.85 0.24
CA CYS B 41 -9.99 19.71 0.26
C CYS B 41 -8.93 19.76 1.35
N LYS B 42 -9.10 18.91 2.36
CA LYS B 42 -8.08 18.69 3.36
C LYS B 42 -6.94 17.93 2.75
N VAL B 43 -5.73 18.44 2.84
CA VAL B 43 -4.63 17.66 2.35
C VAL B 43 -3.57 17.55 3.40
N ALA B 44 -2.51 16.80 3.11
CA ALA B 44 -1.48 16.56 4.10
C ALA B 44 -0.17 16.11 3.50
N ASP B 45 0.86 16.11 4.36
CA ASP B 45 2.14 15.49 4.07
C ASP B 45 2.83 14.98 5.37
N LYS B 46 4.15 14.83 5.33
CA LYS B 46 4.93 14.45 6.52
C LYS B 46 4.74 15.45 7.66
N THR B 47 4.44 16.70 7.32
CA THR B 47 4.57 17.81 8.23
C THR B 47 3.23 18.29 8.74
N GLY B 48 2.49 19.01 7.91
CA GLY B 48 1.22 19.58 8.31
C GLY B 48 -0.02 19.02 7.63
N SER B 49 -1.18 19.55 7.98
CA SER B 49 -2.45 19.00 7.52
C SER B 49 -3.37 20.12 7.02
N ILE B 50 -2.85 20.92 6.10
CA ILE B 50 -3.57 22.09 5.57
C ILE B 50 -4.80 21.73 4.77
N ASN B 51 -5.50 22.74 4.28
CA ASN B 51 -6.56 22.49 3.33
C ASN B 51 -6.49 23.49 2.18
N ILE B 52 -6.91 23.03 1.02
CA ILE B 52 -6.80 23.78 -0.21
C ILE B 52 -8.21 24.07 -0.72
N SER B 53 -8.35 25.12 -1.53
CA SER B 53 -9.62 25.34 -2.22
C SER B 53 -9.47 25.15 -3.74
N VAL B 54 -10.34 24.34 -4.32
CA VAL B 54 -10.27 23.98 -5.74
C VAL B 54 -11.55 24.24 -6.56
N TRP B 55 -11.37 24.61 -7.83
CA TRP B 55 -12.49 24.79 -8.75
C TRP B 55 -12.34 23.91 -10.00
N ASP B 56 -13.41 23.19 -10.35
CA ASP B 56 -13.62 22.69 -11.70
C ASP B 56 -12.69 21.56 -12.18
N ASP B 57 -12.63 20.47 -11.40
CA ASP B 57 -11.95 19.24 -11.79
C ASP B 57 -12.84 18.01 -11.49
N ILE B 62 -9.67 16.05 -9.33
CA ILE B 62 -8.61 15.65 -8.39
C ILE B 62 -9.13 14.89 -7.18
N GLN B 63 -8.52 13.74 -6.89
CA GLN B 63 -9.16 12.76 -6.02
C GLN B 63 -8.28 12.32 -4.84
N PRO B 64 -8.91 11.72 -3.81
CA PRO B 64 -8.17 11.23 -2.64
C PRO B 64 -6.99 10.38 -3.01
N GLY B 65 -5.94 10.46 -2.21
CA GLY B 65 -4.78 9.61 -2.40
C GLY B 65 -3.83 10.11 -3.46
N ASP B 66 -4.29 10.99 -4.34
CA ASP B 66 -3.38 11.62 -5.28
C ASP B 66 -2.24 12.31 -4.55
N ILE B 67 -1.07 12.22 -5.13
CA ILE B 67 0.03 13.02 -4.64
C ILE B 67 0.10 14.15 -5.62
N ILE B 68 -0.02 15.38 -5.12
CA ILE B 68 -0.11 16.50 -6.03
C ILE B 68 1.06 17.43 -5.84
N ARG B 69 1.50 18.03 -6.95
CA ARG B 69 2.51 19.08 -6.91
C ARG B 69 1.88 20.43 -7.20
N THR B 71 2.07 24.39 -7.57
CA THR B 71 3.03 25.44 -7.83
C THR B 71 2.37 26.79 -7.70
N LYS B 72 3.04 27.73 -7.05
CA LYS B 72 2.68 29.14 -7.16
C LYS B 72 1.38 29.48 -6.45
N GLY B 73 0.93 28.61 -5.56
CA GLY B 73 -0.36 28.77 -4.92
C GLY B 73 -0.42 29.93 -3.95
N TYR B 74 -1.58 30.15 -3.33
CA TYR B 74 -1.65 31.14 -2.27
C TYR B 74 -2.74 30.80 -1.25
N ALA B 75 -2.58 31.35 -0.04
CA ALA B 75 -3.41 30.97 1.08
C ALA B 75 -3.96 32.16 1.85
N SER B 76 -5.07 31.91 2.54
CA SER B 76 -5.78 32.88 3.37
C SER B 76 -6.79 32.11 4.21
N VAL B 77 -7.46 32.78 5.13
CA VAL B 77 -8.43 32.06 5.94
C VAL B 77 -9.82 32.34 5.48
N PHE B 78 -10.68 31.35 5.54
CA PHE B 78 -12.09 31.60 5.34
C PHE B 78 -12.79 31.36 6.65
N LYS B 79 -13.21 30.15 6.95
CA LYS B 79 -13.59 29.87 8.33
C LYS B 79 -13.00 28.62 8.89
N GLY B 80 -12.85 27.62 8.05
CA GLY B 80 -12.35 26.35 8.49
C GLY B 80 -10.87 26.48 8.47
N CYS B 81 -10.39 27.42 9.25
CA CYS B 81 -8.99 27.55 9.46
C CYS B 81 -8.32 27.91 8.16
N LEU B 82 -7.01 28.00 8.25
CA LEU B 82 -6.22 28.56 7.16
C LEU B 82 -6.41 27.68 5.93
N THR B 83 -6.88 28.28 4.85
CA THR B 83 -7.16 27.53 3.64
C THR B 83 -6.22 28.01 2.56
N LEU B 84 -6.20 27.33 1.43
CA LEU B 84 -5.19 27.63 0.45
C LEU B 84 -5.78 27.54 -0.95
N TYR B 85 -5.23 28.33 -1.88
CA TYR B 85 -5.87 28.56 -3.16
C TYR B 85 -4.82 28.67 -4.22
N THR B 86 -5.20 28.85 -5.46
CA THR B 86 -4.23 28.91 -6.53
C THR B 86 -4.38 30.11 -7.41
N GLY B 87 -3.28 30.83 -7.57
CA GLY B 87 -3.22 32.21 -8.01
C GLY B 87 -2.00 32.53 -8.84
N ARG B 88 -1.82 33.78 -9.26
CA ARG B 88 -0.69 34.09 -10.13
C ARG B 88 -0.94 33.28 -11.36
N GLY B 89 -0.09 32.34 -11.72
CA GLY B 89 -0.41 31.40 -12.76
C GLY B 89 -0.19 29.99 -12.24
N GLY B 90 -1.09 29.52 -11.39
CA GLY B 90 -0.89 28.33 -10.63
C GLY B 90 -0.87 27.14 -11.52
N ASP B 91 -0.29 26.07 -11.00
CA ASP B 91 -0.32 24.78 -11.65
C ASP B 91 -0.67 23.72 -10.63
N LEU B 92 -1.45 22.70 -11.00
CA LEU B 92 -1.82 21.63 -10.07
C LEU B 92 -1.67 20.22 -10.61
N GLN B 93 -0.49 19.63 -10.43
CA GLN B 93 -0.16 18.38 -11.11
C GLN B 93 -0.08 17.15 -10.21
N LYS B 94 -0.86 16.12 -10.54
CA LYS B 94 -0.76 14.86 -9.84
C LYS B 94 0.47 14.18 -10.36
N ILE B 95 1.26 13.64 -9.44
CA ILE B 95 2.52 13.00 -9.81
C ILE B 95 2.71 11.65 -9.13
N GLY B 96 1.70 11.24 -8.36
CA GLY B 96 1.68 9.92 -7.80
C GLY B 96 0.46 9.73 -6.94
N GLU B 97 0.24 8.50 -6.50
CA GLU B 97 -0.75 8.30 -5.47
C GLU B 97 -0.35 7.19 -4.50
N PHE B 98 -1.11 7.08 -3.43
CA PHE B 98 -0.80 6.12 -2.39
C PHE B 98 -2.07 5.47 -1.95
N CYS B 99 -1.94 4.31 -1.33
CA CYS B 99 -3.11 3.55 -0.92
C CYS B 99 -2.74 2.53 0.14
N VAL B 101 -2.13 -1.03 1.19
CA VAL B 101 -2.07 -2.30 0.51
C VAL B 101 -2.16 -3.51 1.44
N TYR B 102 -3.27 -4.22 1.28
CA TYR B 102 -3.51 -5.40 2.05
C TYR B 102 -3.01 -6.63 1.32
N SER B 103 -2.20 -7.42 2.02
CA SER B 103 -1.56 -8.59 1.44
C SER B 103 -1.80 -9.83 2.27
N GLU B 104 -1.90 -10.95 1.57
CA GLU B 104 -2.36 -12.15 2.22
C GLU B 104 -2.24 -13.36 1.34
N VAL B 105 -2.09 -14.48 1.99
CA VAL B 105 -1.99 -15.73 1.32
C VAL B 105 -3.34 -16.25 0.92
N PRO B 106 -3.28 -17.08 -0.20
CA PRO B 106 -4.57 -17.49 -0.69
C PRO B 106 -5.55 -18.19 0.21
N ASN B 107 -5.24 -18.80 1.32
CA ASN B 107 -6.31 -19.42 2.12
C ASN B 107 -7.00 -20.41 1.28
N PHE B 108 -6.17 -21.32 0.93
CA PHE B 108 -6.28 -22.54 0.13
C PHE B 108 -7.49 -23.42 0.56
N SER B 109 -7.99 -24.29 -0.32
CA SER B 109 -7.31 -24.77 -1.54
C SER B 109 -7.76 -24.11 -2.85
N GLU C 4 11.59 -33.95 -5.27
CA GLU C 4 11.73 -35.39 -5.11
C GLU C 4 11.33 -35.80 -3.68
N THR C 5 10.29 -35.15 -3.15
CA THR C 5 9.64 -35.50 -1.86
C THR C 5 8.34 -34.72 -1.62
N PHE C 6 7.27 -35.40 -1.23
CA PHE C 6 6.02 -34.70 -0.93
C PHE C 6 5.91 -34.48 0.55
N VAL C 7 4.77 -33.97 1.00
CA VAL C 7 4.61 -33.70 2.44
C VAL C 7 3.81 -34.77 3.17
N LYS C 8 2.74 -35.25 2.55
CA LYS C 8 1.90 -36.24 3.22
C LYS C 8 2.76 -37.46 3.55
N ASP C 9 3.71 -37.73 2.67
CA ASP C 9 4.65 -38.81 2.85
C ASP C 9 5.83 -38.31 3.67
N ILE C 10 5.57 -37.64 4.80
CA ILE C 10 6.66 -37.19 5.67
C ILE C 10 6.44 -37.54 7.15
N LYS C 11 7.47 -38.13 7.76
CA LYS C 11 7.41 -38.64 9.11
C LYS C 11 8.84 -38.60 9.70
N PRO C 12 8.95 -38.67 11.01
CA PRO C 12 10.10 -38.20 11.73
C PRO C 12 11.33 -38.92 11.33
N GLY C 13 12.46 -38.34 11.63
CA GLY C 13 13.73 -38.90 11.30
C GLY C 13 13.87 -39.01 9.84
N LEU C 14 13.19 -38.14 9.12
CA LEU C 14 12.99 -38.30 7.70
C LEU C 14 14.03 -37.81 6.76
N LYS C 15 15.00 -37.08 7.24
CA LYS C 15 16.22 -36.78 6.50
C LYS C 15 16.24 -35.90 5.24
N ASN C 16 16.82 -36.39 4.17
CA ASN C 16 17.20 -35.54 3.10
C ASN C 16 15.91 -35.34 2.36
N LEU C 17 15.31 -34.22 2.66
CA LEU C 17 13.98 -33.82 2.18
C LEU C 17 14.06 -32.67 1.18
N ASN C 18 13.60 -32.94 -0.03
CA ASN C 18 13.59 -31.94 -1.08
C ASN C 18 12.20 -31.70 -1.52
N LEU C 19 11.74 -30.47 -1.35
CA LEU C 19 10.39 -30.19 -1.72
C LEU C 19 10.15 -28.71 -1.72
N ILE C 20 9.11 -28.32 -2.43
CA ILE C 20 8.69 -26.94 -2.48
C ILE C 20 7.39 -26.73 -1.75
N PHE C 21 7.36 -25.71 -0.93
CA PHE C 21 6.16 -25.38 -0.20
C PHE C 21 5.96 -23.89 -0.19
N ILE C 22 4.87 -23.47 0.42
CA ILE C 22 4.56 -22.07 0.45
C ILE C 22 4.06 -21.66 1.83
N VAL C 23 4.48 -20.49 2.30
CA VAL C 23 4.16 -20.12 3.66
C VAL C 23 2.73 -19.70 3.88
N LEU C 24 2.04 -20.39 4.78
CA LEU C 24 0.67 -20.01 5.12
C LEU C 24 0.62 -19.02 6.25
N GLU C 25 1.36 -19.33 7.30
CA GLU C 25 1.43 -18.41 8.40
C GLU C 25 2.73 -18.51 9.12
N THR C 26 2.92 -17.70 10.12
CA THR C 26 4.16 -17.64 10.79
C THR C 26 3.88 -17.69 12.25
N GLY C 27 4.13 -16.64 12.98
CA GLY C 27 3.84 -16.60 14.39
C GLY C 27 4.61 -17.09 15.58
N ARG C 28 5.82 -17.64 15.51
CA ARG C 28 6.57 -17.86 16.78
C ARG C 28 8.04 -17.80 16.71
N VAL C 29 8.64 -17.05 17.61
CA VAL C 29 10.08 -16.93 17.68
C VAL C 29 10.64 -16.98 19.05
N THR C 30 11.65 -17.83 19.26
CA THR C 30 12.30 -17.99 20.53
C THR C 30 13.79 -17.63 20.35
N LYS C 31 14.22 -16.60 21.08
CA LYS C 31 15.59 -16.10 21.00
C LYS C 31 16.57 -17.18 21.44
N THR C 32 17.51 -17.55 20.58
CA THR C 32 18.42 -18.62 20.91
C THR C 32 19.30 -18.14 22.04
N LYS C 33 19.91 -19.07 22.76
CA LYS C 33 20.82 -18.77 23.84
C LYS C 33 21.73 -17.58 23.54
N ASP C 34 22.41 -17.63 22.39
CA ASP C 34 23.21 -16.49 21.95
C ASP C 34 22.37 -15.31 21.45
N GLY C 35 21.05 -15.46 21.40
CA GLY C 35 20.21 -14.36 21.00
C GLY C 35 19.65 -14.51 19.61
N HIS C 36 20.07 -15.54 18.89
CA HIS C 36 19.54 -15.79 17.55
C HIS C 36 18.09 -16.11 17.62
N GLU C 37 17.46 -16.11 16.46
CA GLU C 37 16.02 -16.22 16.42
C GLU C 37 15.60 -17.28 15.48
N VAL C 38 14.81 -18.21 15.99
CA VAL C 38 14.30 -19.28 15.18
C VAL C 38 12.81 -19.08 15.04
N ARG C 39 12.28 -19.38 13.86
CA ARG C 39 10.91 -19.02 13.57
C ARG C 39 10.05 -20.22 13.27
N THR C 40 8.79 -20.10 13.67
CA THR C 40 7.83 -21.18 13.60
C THR C 40 6.75 -20.91 12.57
N CYS C 41 6.68 -21.73 11.53
CA CYS C 41 5.80 -21.42 10.42
C CYS C 41 5.18 -22.67 9.89
N LYS C 42 3.93 -22.55 9.47
CA LYS C 42 3.21 -23.66 8.87
C LYS C 42 3.19 -23.50 7.38
N VAL C 43 4.19 -24.08 6.73
CA VAL C 43 4.26 -24.04 5.29
C VAL C 43 3.51 -25.24 4.75
N ALA C 44 3.28 -25.26 3.45
CA ALA C 44 2.43 -26.27 2.85
C ALA C 44 2.60 -26.33 1.35
N ASP C 45 1.85 -27.23 0.74
CA ASP C 45 1.88 -27.40 -0.69
C ASP C 45 0.62 -28.12 -1.12
N LYS C 46 0.67 -28.70 -2.32
CA LYS C 46 -0.42 -29.54 -2.81
C LYS C 46 -0.92 -30.50 -1.74
N THR C 47 0.00 -31.10 -0.98
CA THR C 47 -0.36 -32.25 -0.14
C THR C 47 -0.54 -32.03 1.37
N GLY C 48 -0.07 -30.91 1.91
CA GLY C 48 -0.31 -30.67 3.32
C GLY C 48 0.61 -29.72 4.04
N SER C 49 0.07 -29.08 5.07
CA SER C 49 0.84 -28.22 5.96
C SER C 49 1.87 -29.06 6.66
N ILE C 50 2.84 -28.40 7.27
CA ILE C 50 3.81 -29.05 8.14
C ILE C 50 4.70 -28.00 8.74
N ASN C 51 4.92 -28.06 10.04
CA ASN C 51 5.78 -27.10 10.70
C ASN C 51 7.19 -27.04 10.15
N ILE C 52 7.88 -25.95 10.46
CA ILE C 52 9.25 -25.78 10.04
C ILE C 52 9.99 -24.77 10.90
N SER C 53 11.29 -24.99 11.11
CA SER C 53 12.06 -24.13 12.01
C SER C 53 13.13 -23.40 11.25
N VAL C 54 13.07 -22.08 11.25
CA VAL C 54 13.99 -21.30 10.46
C VAL C 54 14.81 -20.33 11.28
N TRP C 55 16.11 -20.55 11.27
CA TRP C 55 16.98 -19.58 11.89
C TRP C 55 16.92 -18.34 11.06
N ASP C 56 16.34 -17.32 11.65
CA ASP C 56 16.10 -16.08 10.94
C ASP C 56 16.08 -14.91 11.91
N ASP C 57 16.94 -13.93 11.68
CA ASP C 57 17.16 -12.90 12.67
C ASP C 57 16.45 -11.56 12.43
N VAL C 58 15.61 -11.49 11.42
CA VAL C 58 15.00 -10.23 11.02
C VAL C 58 13.49 -10.18 11.09
N GLY C 59 12.99 -9.04 11.48
CA GLY C 59 11.67 -8.80 11.96
C GLY C 59 10.42 -8.99 11.19
N ASN C 60 10.40 -8.66 9.93
CA ASN C 60 9.23 -8.94 9.13
C ASN C 60 9.69 -9.34 7.82
N LEU C 61 10.74 -10.12 7.81
CA LEU C 61 11.28 -10.74 6.66
C LEU C 61 10.44 -11.84 6.08
N ILE C 62 9.76 -12.62 6.86
CA ILE C 62 9.11 -13.67 6.10
C ILE C 62 7.64 -13.45 6.21
N GLN C 63 6.93 -13.71 5.13
CA GLN C 63 5.54 -13.41 5.10
C GLN C 63 4.78 -14.60 4.65
N PRO C 64 3.58 -14.74 5.12
CA PRO C 64 2.78 -15.82 4.62
C PRO C 64 2.54 -15.59 3.14
N GLY C 65 2.60 -16.66 2.35
CA GLY C 65 2.43 -16.52 0.92
C GLY C 65 3.72 -16.63 0.16
N ASP C 66 4.83 -16.91 0.84
CA ASP C 66 6.11 -17.10 0.15
C ASP C 66 6.38 -18.56 -0.23
N ILE C 67 6.84 -18.76 -1.44
CA ILE C 67 7.09 -20.11 -1.90
C ILE C 67 8.54 -20.49 -1.77
N ILE C 68 8.82 -21.58 -1.05
CA ILE C 68 10.22 -22.00 -0.92
C ILE C 68 10.38 -23.46 -1.26
N ARG C 69 11.54 -23.79 -1.78
CA ARG C 69 11.94 -25.15 -2.03
C ARG C 69 12.86 -25.66 -0.92
N THR C 71 15.83 -28.02 0.44
CA THR C 71 16.96 -28.82 0.03
C THR C 71 17.53 -29.52 1.25
N LYS C 72 17.55 -30.85 1.22
CA LYS C 72 18.13 -31.65 2.30
C LYS C 72 17.63 -31.26 3.68
N GLY C 73 16.32 -31.13 3.82
CA GLY C 73 15.74 -30.89 5.14
C GLY C 73 15.53 -32.23 5.81
N TYR C 74 15.21 -32.24 7.10
CA TYR C 74 14.91 -33.51 7.74
C TYR C 74 13.67 -33.41 8.61
N ALA C 75 12.90 -34.49 8.65
CA ALA C 75 11.65 -34.47 9.40
C ALA C 75 11.95 -34.98 10.78
N SER C 76 11.12 -34.59 11.72
CA SER C 76 11.38 -34.84 13.12
C SER C 76 10.24 -34.31 13.99
N VAL C 77 9.91 -35.05 15.03
CA VAL C 77 8.93 -34.59 15.99
C VAL C 77 9.52 -33.56 16.93
N PHE C 78 8.83 -32.45 17.05
CA PHE C 78 9.17 -31.50 18.08
C PHE C 78 7.88 -31.19 18.81
N LYS C 79 7.66 -31.85 19.94
CA LYS C 79 6.41 -31.74 20.68
C LYS C 79 5.26 -32.05 19.74
N GLY C 80 4.07 -31.54 20.04
CA GLY C 80 2.88 -31.95 19.30
C GLY C 80 2.80 -31.68 17.81
N CYS C 81 3.96 -31.63 17.14
CA CYS C 81 4.08 -31.18 15.75
C CYS C 81 5.25 -31.82 15.03
N LEU C 82 5.00 -32.60 13.99
CA LEU C 82 6.08 -32.97 13.10
C LEU C 82 6.60 -31.70 12.46
N THR C 83 7.92 -31.59 12.36
CA THR C 83 8.51 -30.32 12.00
C THR C 83 9.70 -30.51 11.06
N LEU C 84 9.95 -29.54 10.19
CA LEU C 84 11.08 -29.60 9.29
C LEU C 84 12.19 -28.69 9.76
N TYR C 85 13.42 -29.10 9.53
CA TYR C 85 14.54 -28.28 9.93
C TYR C 85 15.55 -28.04 8.84
N THR C 86 16.47 -27.15 9.09
CA THR C 86 17.59 -26.84 8.25
C THR C 86 18.76 -27.69 8.57
N GLY C 87 19.63 -28.00 7.61
CA GLY C 87 20.77 -28.86 7.93
C GLY C 87 22.13 -28.95 7.28
N ARG C 88 22.47 -30.18 6.96
CA ARG C 88 23.72 -30.57 6.39
C ARG C 88 23.93 -30.00 5.00
N GLY C 89 23.83 -28.68 4.86
CA GLY C 89 24.15 -28.06 3.60
C GLY C 89 23.01 -27.79 2.66
N GLY C 90 21.83 -28.27 3.02
CA GLY C 90 20.60 -27.85 2.41
C GLY C 90 20.31 -26.40 2.71
N ASP C 91 20.32 -25.57 1.67
CA ASP C 91 20.05 -24.14 1.81
C ASP C 91 18.54 -23.89 1.76
N LEU C 92 18.12 -22.73 2.27
CA LEU C 92 16.79 -22.27 1.98
C LEU C 92 16.82 -21.16 0.98
N GLN C 93 16.03 -21.33 -0.07
CA GLN C 93 15.78 -20.25 -1.02
C GLN C 93 14.34 -19.91 -1.20
N LYS C 94 13.96 -18.64 -0.99
CA LYS C 94 12.62 -18.20 -1.38
C LYS C 94 12.62 -18.12 -2.87
N ILE C 95 11.62 -18.68 -3.53
CA ILE C 95 11.66 -18.69 -4.98
C ILE C 95 10.44 -18.07 -5.66
N GLY C 96 9.48 -17.62 -4.85
CA GLY C 96 8.27 -17.03 -5.38
C GLY C 96 7.32 -16.51 -4.34
N GLU C 97 6.49 -15.56 -4.75
CA GLU C 97 5.36 -15.07 -3.99
C GLU C 97 4.10 -15.55 -4.67
N PHE C 98 3.04 -15.66 -3.90
CA PHE C 98 1.74 -15.90 -4.48
C PHE C 98 0.68 -15.47 -3.48
N CYS C 99 -0.01 -14.37 -3.75
CA CYS C 99 -0.81 -13.73 -2.72
C CYS C 99 -2.17 -13.31 -3.21
N VAL C 101 -4.15 -9.82 -3.14
CA VAL C 101 -3.76 -8.43 -2.96
C VAL C 101 -4.97 -7.55 -3.05
N TYR C 102 -5.10 -6.65 -2.10
CA TYR C 102 -6.21 -5.75 -2.09
C TYR C 102 -5.75 -4.35 -1.75
N SER C 103 -5.92 -3.42 -2.71
CA SER C 103 -5.51 -2.03 -2.61
C SER C 103 -6.71 -1.10 -2.52
N GLU C 104 -6.57 -0.04 -1.74
CA GLU C 104 -7.62 0.96 -1.56
C GLU C 104 -7.12 2.20 -0.83
N VAL C 105 -7.90 3.27 -0.90
CA VAL C 105 -7.60 4.47 -0.12
C VAL C 105 -8.36 4.42 1.21
N PRO C 106 -7.66 4.70 2.31
CA PRO C 106 -8.23 4.69 3.66
C PRO C 106 -9.21 5.84 3.89
N ASN C 107 -10.29 5.57 4.63
CA ASN C 107 -11.28 6.57 4.95
C ASN C 107 -10.96 7.25 6.26
N PHE C 108 -11.71 8.30 6.58
CA PHE C 108 -11.51 9.08 7.81
C PHE C 108 -12.83 9.68 8.26
N THR D 3 -16.15 -20.03 11.77
CA THR D 3 -16.74 -19.63 13.05
C THR D 3 -16.04 -18.39 13.63
N GLU D 4 -15.89 -17.36 12.80
CA GLU D 4 -15.23 -16.12 13.20
C GLU D 4 -16.22 -15.19 13.91
N THR D 5 -15.89 -13.89 14.01
CA THR D 5 -16.72 -12.92 14.74
C THR D 5 -16.24 -11.50 14.38
N PHE D 6 -16.65 -10.47 15.13
CA PHE D 6 -16.30 -9.08 14.82
C PHE D 6 -16.02 -8.31 16.10
N VAL D 7 -15.39 -7.14 15.96
CA VAL D 7 -15.01 -6.33 17.12
C VAL D 7 -16.22 -5.89 17.94
N LYS D 8 -16.87 -4.76 17.60
CA LYS D 8 -17.86 -4.14 18.50
C LYS D 8 -18.91 -5.08 19.09
N ASP D 9 -19.11 -6.24 18.46
CA ASP D 9 -19.98 -7.27 19.02
C ASP D 9 -19.58 -7.64 20.43
N ILE D 10 -18.28 -7.73 20.67
CA ILE D 10 -17.76 -8.40 21.86
C ILE D 10 -17.45 -7.47 23.05
N LYS D 11 -17.94 -7.87 24.21
CA LYS D 11 -17.82 -7.11 25.43
C LYS D 11 -17.49 -8.08 26.57
N PRO D 12 -17.10 -7.64 27.74
CA PRO D 12 -16.38 -8.51 28.68
C PRO D 12 -17.09 -9.80 29.02
N GLY D 13 -16.38 -10.89 29.21
CA GLY D 13 -17.01 -12.19 29.21
C GLY D 13 -16.69 -12.78 27.88
N LEU D 14 -17.45 -13.74 27.42
CA LEU D 14 -17.41 -14.14 26.01
C LEU D 14 -16.44 -15.24 25.54
N LYS D 15 -15.35 -15.43 26.23
CA LYS D 15 -14.62 -16.66 26.15
C LYS D 15 -14.29 -17.08 24.78
N ASN D 16 -14.55 -18.30 24.38
CA ASN D 16 -13.91 -18.87 23.21
C ASN D 16 -14.20 -17.99 22.04
N LEU D 17 -13.18 -17.57 21.26
CA LEU D 17 -13.32 -16.61 20.11
C LEU D 17 -12.24 -16.62 19.00
N ASN D 18 -12.48 -17.17 17.82
CA ASN D 18 -11.55 -17.22 16.69
C ASN D 18 -11.70 -15.99 15.79
N LEU D 19 -10.59 -15.44 15.29
CA LEU D 19 -10.64 -14.11 14.68
C LEU D 19 -9.38 -13.62 13.91
N ILE D 20 -9.65 -12.99 12.77
CA ILE D 20 -8.62 -12.38 11.94
C ILE D 20 -8.65 -10.87 11.99
N PHE D 21 -7.51 -10.23 12.07
CA PHE D 21 -7.55 -8.78 12.09
C PHE D 21 -6.22 -8.20 11.72
N ILE D 22 -6.15 -6.89 11.78
CA ILE D 22 -4.93 -6.21 11.47
C ILE D 22 -4.42 -5.49 12.69
N VAL D 23 -3.10 -5.29 12.73
CA VAL D 23 -2.46 -4.71 13.89
C VAL D 23 -2.10 -3.26 13.64
N LEU D 24 -2.74 -2.41 14.44
CA LEU D 24 -2.61 -0.97 14.32
C LEU D 24 -1.40 -0.48 15.06
N GLU D 25 -1.43 -0.59 16.38
CA GLU D 25 -0.34 -0.11 17.24
C GLU D 25 0.13 -1.19 18.24
N THR D 26 1.26 -0.93 18.92
CA THR D 26 1.79 -1.83 19.97
C THR D 26 2.36 -1.05 21.18
N GLY D 27 1.85 -1.34 22.38
CA GLY D 27 2.11 -0.53 23.57
C GLY D 27 3.50 -0.54 24.20
N ARG D 28 3.54 -0.53 25.53
CA ARG D 28 4.79 -0.51 26.30
C ARG D 28 4.99 -1.82 27.09
N VAL D 29 6.20 -2.37 27.04
CA VAL D 29 6.48 -3.69 27.62
C VAL D 29 6.37 -3.71 29.14
N THR D 30 6.04 -4.88 29.69
CA THR D 30 6.22 -5.15 31.11
C THR D 30 6.80 -6.55 31.26
N LYS D 31 7.98 -6.64 31.87
CA LYS D 31 8.57 -7.95 32.13
C LYS D 31 8.27 -8.35 33.57
N THR D 32 7.25 -9.18 33.74
CA THR D 32 6.90 -9.76 35.02
C THR D 32 8.13 -10.44 35.60
N LYS D 33 8.41 -10.21 36.88
CA LYS D 33 9.69 -10.61 37.49
C LYS D 33 10.00 -12.08 37.30
N ASP D 34 8.93 -12.89 37.23
CA ASP D 34 9.02 -14.30 36.86
C ASP D 34 9.42 -14.52 35.39
N GLY D 35 9.49 -13.45 34.61
CA GLY D 35 10.15 -13.51 33.31
C GLY D 35 9.40 -13.17 32.03
N HIS D 36 8.08 -13.22 32.04
CA HIS D 36 7.34 -13.22 30.77
C HIS D 36 7.04 -11.88 30.14
N GLU D 37 7.03 -11.91 28.82
CA GLU D 37 6.61 -10.80 28.01
C GLU D 37 5.08 -10.70 28.08
N VAL D 38 4.55 -9.77 28.86
CA VAL D 38 3.14 -9.44 28.74
C VAL D 38 2.99 -8.15 27.94
N ARG D 39 2.64 -8.32 26.68
CA ARG D 39 2.49 -7.20 25.76
C ARG D 39 1.03 -6.86 25.61
N THR D 40 0.67 -5.59 25.78
CA THR D 40 -0.68 -5.18 25.43
C THR D 40 -0.64 -4.39 24.14
N CYS D 41 -1.67 -4.54 23.31
CA CYS D 41 -1.59 -4.05 21.93
C CYS D 41 -2.90 -3.60 21.31
N LYS D 42 -2.78 -2.73 20.30
CA LYS D 42 -3.91 -2.12 19.62
C LYS D 42 -4.16 -2.70 18.22
N VAL D 43 -5.20 -3.52 18.12
CA VAL D 43 -5.61 -4.12 16.86
C VAL D 43 -7.11 -3.97 16.67
N ALA D 44 -7.61 -4.31 15.49
CA ALA D 44 -9.05 -4.31 15.21
C ALA D 44 -9.43 -4.87 13.85
N ASP D 45 -10.72 -5.04 13.62
CA ASP D 45 -11.24 -5.10 12.27
C ASP D 45 -11.90 -3.75 11.97
N LYS D 46 -12.32 -3.56 10.74
CA LYS D 46 -12.94 -2.32 10.32
C LYS D 46 -14.08 -1.91 11.29
N THR D 47 -14.73 -2.89 11.91
CA THR D 47 -15.79 -2.59 12.88
C THR D 47 -15.22 -2.05 14.19
N GLY D 48 -14.66 -0.85 14.14
CA GLY D 48 -14.21 -0.15 15.33
C GLY D 48 -12.81 -0.50 15.78
N SER D 49 -12.59 -0.49 17.10
CA SER D 49 -11.25 -0.74 17.65
C SER D 49 -11.29 -1.56 18.96
N ILE D 50 -10.11 -2.02 19.41
CA ILE D 50 -9.96 -2.81 20.65
C ILE D 50 -8.48 -2.95 21.03
N ASN D 51 -8.20 -3.47 22.22
CA ASN D 51 -6.84 -3.71 22.68
C ASN D 51 -6.63 -5.17 23.13
N ILE D 52 -5.39 -5.65 23.17
CA ILE D 52 -5.14 -7.08 23.43
C ILE D 52 -3.87 -7.34 24.28
N SER D 53 -3.79 -8.48 24.97
CA SER D 53 -2.61 -8.79 25.76
C SER D 53 -1.90 -10.10 25.45
N VAL D 54 -0.60 -9.99 25.27
CA VAL D 54 0.16 -11.07 24.69
C VAL D 54 1.29 -11.56 25.55
N TRP D 55 1.46 -12.87 25.56
CA TRP D 55 2.47 -13.48 26.38
C TRP D 55 3.61 -14.06 25.53
N ASP D 56 4.71 -13.31 25.51
CA ASP D 56 5.98 -13.76 24.94
C ASP D 56 6.04 -13.83 23.41
N ASP D 57 5.41 -12.86 22.75
CA ASP D 57 5.45 -12.72 21.30
C ASP D 57 5.54 -11.26 20.86
N ILE D 62 4.54 -9.97 17.02
CA ILE D 62 3.54 -9.14 16.40
C ILE D 62 4.10 -7.76 16.27
N GLN D 63 3.59 -7.03 15.29
CA GLN D 63 4.05 -5.71 14.96
C GLN D 63 2.93 -5.17 14.16
N PRO D 64 2.72 -3.87 14.18
CA PRO D 64 1.67 -3.28 13.34
C PRO D 64 1.90 -3.50 11.86
N GLY D 65 0.81 -3.57 11.12
CA GLY D 65 0.94 -3.80 9.70
C GLY D 65 0.67 -5.25 9.41
N ASP D 66 0.52 -6.01 10.49
CA ASP D 66 0.30 -7.42 10.35
C ASP D 66 -1.17 -7.78 10.37
N ILE D 67 -1.48 -8.88 9.69
CA ILE D 67 -2.82 -9.41 9.69
C ILE D 67 -2.83 -10.69 10.52
N ILE D 68 -3.51 -10.66 11.66
CA ILE D 68 -3.42 -11.77 12.59
C ILE D 68 -4.66 -12.61 12.59
N ARG D 69 -4.45 -13.91 12.52
CA ARG D 69 -5.48 -14.84 12.90
C ARG D 69 -5.39 -15.19 14.37
N THR D 71 -6.66 -17.76 17.34
CA THR D 71 -7.37 -19.00 17.65
C THR D 71 -7.57 -19.13 19.16
N LYS D 72 -8.76 -19.62 19.53
CA LYS D 72 -9.20 -19.91 20.90
C LYS D 72 -8.78 -18.85 21.89
N GLY D 73 -8.95 -17.59 21.50
CA GLY D 73 -8.73 -16.48 22.39
C GLY D 73 -10.04 -16.13 23.06
N TYR D 74 -9.97 -15.31 24.10
CA TYR D 74 -11.19 -14.94 24.77
C TYR D 74 -11.13 -13.55 25.36
N ALA D 75 -12.30 -13.01 25.64
CA ALA D 75 -12.40 -11.61 25.98
C ALA D 75 -13.06 -11.41 27.31
N SER D 76 -12.62 -10.35 27.97
CA SER D 76 -13.16 -9.90 29.23
C SER D 76 -12.57 -8.54 29.46
N VAL D 77 -12.88 -7.81 30.50
CA VAL D 77 -12.30 -6.49 30.49
C VAL D 77 -11.28 -6.29 31.53
N PHE D 78 -10.15 -5.74 31.16
CA PHE D 78 -9.35 -5.04 32.12
C PHE D 78 -10.05 -3.75 32.00
N LYS D 79 -10.38 -3.17 33.13
CA LYS D 79 -11.59 -2.42 33.31
C LYS D 79 -11.63 -1.37 32.23
N GLY D 80 -10.47 -0.95 31.77
CA GLY D 80 -10.41 0.04 30.74
C GLY D 80 -10.68 -0.71 29.46
N CYS D 81 -11.94 -1.02 29.31
CA CYS D 81 -12.56 -1.54 28.11
C CYS D 81 -12.14 -2.99 28.08
N LEU D 82 -12.99 -3.87 27.57
CA LEU D 82 -12.63 -5.29 27.60
C LEU D 82 -11.38 -5.58 26.81
N THR D 83 -10.69 -6.67 27.15
CA THR D 83 -9.47 -7.02 26.44
C THR D 83 -9.48 -8.48 25.99
N LEU D 84 -8.54 -8.84 25.14
CA LEU D 84 -8.51 -10.18 24.58
C LEU D 84 -7.35 -11.01 25.08
N TYR D 85 -7.62 -12.27 25.40
CA TYR D 85 -6.60 -13.14 25.92
C TYR D 85 -6.34 -14.26 24.96
N THR D 86 -5.56 -15.21 25.36
CA THR D 86 -5.22 -16.30 24.48
C THR D 86 -5.31 -17.55 25.27
N GLY D 87 -6.32 -17.59 26.09
CA GLY D 87 -6.39 -18.59 27.11
C GLY D 87 -6.51 -20.10 27.02
N ARG D 88 -7.39 -20.68 26.21
CA ARG D 88 -7.67 -22.09 26.40
C ARG D 88 -6.37 -22.80 26.13
N GLY D 89 -5.73 -22.43 25.05
CA GLY D 89 -4.31 -22.56 24.89
C GLY D 89 -3.98 -21.22 24.32
N GLY D 90 -4.72 -20.91 23.27
CA GLY D 90 -4.58 -19.68 22.53
C GLY D 90 -3.57 -19.86 21.44
N ASP D 91 -3.82 -19.24 20.29
CA ASP D 91 -2.86 -19.32 19.20
C ASP D 91 -3.08 -18.24 18.15
N LEU D 92 -2.21 -17.24 18.19
CA LEU D 92 -2.27 -16.15 17.24
C LEU D 92 -1.32 -16.39 16.10
N GLN D 93 -1.86 -16.36 14.88
CA GLN D 93 -1.05 -16.59 13.71
C GLN D 93 -1.10 -15.41 12.77
N LYS D 94 -0.03 -15.25 12.01
CA LYS D 94 0.04 -14.21 11.02
C LYS D 94 -0.19 -14.82 9.67
N ILE D 95 -1.03 -14.19 8.86
CA ILE D 95 -1.46 -14.80 7.62
C ILE D 95 -1.19 -13.89 6.43
N GLY D 96 -0.86 -12.65 6.70
CA GLY D 96 -0.48 -11.71 5.65
C GLY D 96 -0.06 -10.37 6.19
N GLU D 97 0.36 -9.50 5.30
CA GLU D 97 0.82 -8.19 5.69
C GLU D 97 -0.13 -7.13 5.20
N PHE D 98 0.11 -5.90 5.62
CA PHE D 98 -0.54 -4.77 5.00
C PHE D 98 0.30 -3.60 5.34
N CYS D 99 0.35 -2.64 4.43
CA CYS D 99 1.19 -1.49 4.65
C CYS D 99 0.72 -0.35 3.76
N VAL D 101 1.53 2.47 0.97
CA VAL D 101 2.43 2.50 -0.19
C VAL D 101 2.40 3.79 -0.99
N TYR D 102 3.57 4.28 -1.38
CA TYR D 102 3.67 5.53 -2.12
C TYR D 102 4.38 5.34 -3.42
N SER D 103 3.70 5.71 -4.50
CA SER D 103 4.28 5.59 -5.83
C SER D 103 4.34 6.92 -6.55
N GLU D 104 5.48 7.16 -7.16
CA GLU D 104 5.69 8.39 -7.88
C GLU D 104 6.57 8.12 -9.06
N VAL D 105 6.44 8.94 -10.07
CA VAL D 105 7.30 8.82 -11.22
C VAL D 105 8.66 9.39 -10.88
N PRO D 106 9.73 8.61 -11.14
CA PRO D 106 11.14 8.98 -10.95
C PRO D 106 11.42 10.39 -11.46
N ASN D 107 12.53 10.98 -11.03
CA ASN D 107 12.87 12.29 -11.55
C ASN D 107 13.78 12.19 -12.77
N PHE D 108 13.62 13.13 -13.69
CA PHE D 108 14.19 13.07 -15.02
C PHE D 108 14.80 14.42 -15.47
N SER D 109 15.64 14.44 -16.50
CA SER D 109 16.06 13.26 -17.26
C SER D 109 17.26 12.60 -16.59
#